data_6XNK
#
_entry.id   6XNK
#
_cell.length_a   35.660
_cell.length_b   49.595
_cell.length_c   61.556
_cell.angle_alpha   77.967
_cell.angle_beta   79.015
_cell.angle_gamma   90.189
#
_symmetry.space_group_name_H-M   'P 1'
#
loop_
_entity.id
_entity.type
_entity.pdbx_description
1 polymer 'Cytochrome c'
2 non-polymer 'HEME C'
3 water water
#
_entity_poly.entity_id   1
_entity_poly.type   'polypeptide(L)'
_entity_poly.pdbx_seq_one_letter_code
;GDVEKGKKIFIMKCSQCHTVEKGGKHKTGPNLHGLFGRKTGQAPGYSYTAANKNKGIIWGEDTLMEYLENPAKYIPGTKM
IFVGIKKKEERADLIAYLKKATNE
;
_entity_poly.pdbx_strand_id   A,C,E,G
#
loop_
_chem_comp.id
_chem_comp.type
_chem_comp.name
_chem_comp.formula
HEC non-polymer 'HEME C' 'C34 H34 Fe N4 O4'
#
# COMPACT_ATOMS: atom_id res chain seq x y z
N GLY A 1 11.54 -34.43 -0.09
CA GLY A 1 10.77 -33.78 -1.16
C GLY A 1 11.21 -34.22 -2.54
N ASP A 2 10.29 -34.01 -3.49
CA ASP A 2 10.48 -34.34 -4.90
C ASP A 2 11.12 -33.14 -5.62
N VAL A 3 12.41 -33.27 -5.93
CA VAL A 3 13.14 -32.15 -6.48
C VAL A 3 12.68 -31.86 -7.90
N GLU A 4 12.16 -32.85 -8.59
CA GLU A 4 11.68 -32.60 -9.94
C GLU A 4 10.39 -31.77 -9.94
N LYS A 5 9.49 -32.07 -9.02
CA LYS A 5 8.34 -31.20 -8.86
C LYS A 5 8.76 -29.83 -8.32
N GLY A 6 9.70 -29.81 -7.37
CA GLY A 6 10.16 -28.54 -6.83
C GLY A 6 10.79 -27.68 -7.90
N LYS A 7 11.48 -28.29 -8.85
CA LYS A 7 11.97 -27.55 -9.99
C LYS A 7 10.84 -26.88 -10.78
N LYS A 8 9.75 -27.62 -11.07
CA LYS A 8 8.63 -27.00 -11.81
C LYS A 8 7.99 -25.89 -11.01
N ILE A 9 7.86 -26.09 -9.70
CA ILE A 9 7.32 -25.05 -8.83
C ILE A 9 8.19 -23.82 -8.89
N PHE A 10 9.53 -24.00 -8.79
CA PHE A 10 10.45 -22.87 -8.82
C PHE A 10 10.35 -22.11 -10.14
N ILE A 11 10.31 -22.83 -11.25
CA ILE A 11 10.22 -22.14 -12.54
C ILE A 11 8.96 -21.27 -12.59
N MET A 12 7.82 -21.84 -12.21
CA MET A 12 6.55 -21.15 -12.38
C MET A 12 6.43 -19.96 -11.44
N LYS A 13 6.90 -20.12 -10.20
CA LYS A 13 6.59 -19.20 -9.12
C LYS A 13 7.75 -18.27 -8.72
N CYS A 14 9.01 -18.59 -9.08
CA CYS A 14 10.15 -17.82 -8.60
C CYS A 14 11.14 -17.39 -9.71
N SER A 15 11.30 -18.22 -10.75
CA SER A 15 12.40 -18.07 -11.71
C SER A 15 12.33 -16.77 -12.50
N GLN A 16 11.15 -16.18 -12.59
CA GLN A 16 11.05 -14.85 -13.18
C GLN A 16 11.90 -13.82 -12.43
N CYS A 17 12.04 -13.97 -11.10
CA CYS A 17 12.79 -13.02 -10.29
C CYS A 17 14.10 -13.54 -9.68
N HIS A 18 14.31 -14.85 -9.63
CA HIS A 18 15.48 -15.43 -8.99
C HIS A 18 16.16 -16.45 -9.92
N THR A 19 17.48 -16.45 -9.90
CA THR A 19 18.31 -17.56 -10.38
C THR A 19 18.87 -18.30 -9.18
N VAL A 20 19.28 -19.55 -9.40
CA VAL A 20 19.78 -20.41 -8.33
C VAL A 20 21.21 -20.87 -8.54
N GLU A 21 21.74 -20.78 -9.76
CA GLU A 21 22.99 -21.44 -10.10
C GLU A 21 24.17 -20.59 -9.64
N LYS A 22 25.30 -21.27 -9.42
CA LYS A 22 26.48 -20.54 -8.97
C LYS A 22 26.85 -19.49 -10.02
N GLY A 23 26.97 -18.25 -9.57
CA GLY A 23 27.25 -17.10 -10.40
C GLY A 23 26.10 -16.62 -11.23
N GLY A 24 24.91 -17.15 -11.05
CA GLY A 24 23.78 -16.66 -11.79
C GLY A 24 23.48 -15.23 -11.46
N LYS A 25 22.79 -14.57 -12.38
CA LYS A 25 22.63 -13.13 -12.31
C LYS A 25 21.61 -12.75 -11.23
N HIS A 26 21.79 -11.56 -10.65
CA HIS A 26 20.70 -10.90 -9.95
C HIS A 26 19.70 -10.36 -10.96
N LYS A 27 18.43 -10.61 -10.69
CA LYS A 27 17.32 -10.13 -11.52
C LYS A 27 16.45 -9.23 -10.65
N THR A 28 15.13 -9.30 -10.76
CA THR A 28 14.34 -8.50 -9.83
C THR A 28 14.77 -8.82 -8.39
N GLY A 29 14.97 -10.11 -8.10
CA GLY A 29 15.43 -10.60 -6.83
C GLY A 29 16.85 -11.13 -6.89
N PRO A 30 17.42 -11.36 -5.71
CA PRO A 30 18.83 -11.81 -5.64
C PRO A 30 18.99 -13.23 -6.12
N ASN A 31 20.15 -13.52 -6.71
CA ASN A 31 20.57 -14.90 -6.87
C ASN A 31 20.59 -15.58 -5.50
N LEU A 32 20.21 -16.85 -5.51
CA LEU A 32 19.97 -17.63 -4.31
C LEU A 32 21.04 -18.68 -4.07
N HIS A 33 22.08 -18.74 -4.90
CA HIS A 33 23.10 -19.76 -4.69
C HIS A 33 23.76 -19.56 -3.32
N GLY A 34 24.04 -20.66 -2.64
CA GLY A 34 24.64 -20.55 -1.33
C GLY A 34 23.67 -20.11 -0.26
N LEU A 35 22.40 -19.99 -0.59
CA LEU A 35 21.41 -19.50 0.36
C LEU A 35 21.41 -20.27 1.68
N PHE A 36 21.48 -21.58 1.62
CA PHE A 36 21.29 -22.38 2.84
C PHE A 36 22.47 -22.17 3.81
N GLY A 37 22.14 -21.67 5.02
CA GLY A 37 23.11 -21.29 6.01
C GLY A 37 23.60 -19.84 5.93
N ARG A 38 23.09 -19.05 5.01
CA ARG A 38 23.50 -17.65 4.93
C ARG A 38 22.48 -16.80 5.66
N LYS A 39 22.97 -15.76 6.31
CA LYS A 39 22.08 -14.77 6.92
C LYS A 39 21.27 -14.08 5.83
N THR A 40 20.10 -13.56 6.22
CA THR A 40 19.29 -12.79 5.28
C THR A 40 20.06 -11.57 4.80
N GLY A 41 19.80 -11.21 3.54
CA GLY A 41 20.31 -9.99 2.97
C GLY A 41 21.78 -10.00 2.66
N GLN A 42 22.35 -11.17 2.38
CA GLN A 42 23.80 -11.27 2.26
C GLN A 42 24.23 -11.81 0.92
N ALA A 43 23.38 -11.74 -0.11
CA ALA A 43 23.82 -12.15 -1.46
C ALA A 43 24.75 -11.07 -2.02
N PRO A 44 26.00 -11.38 -2.40
CA PRO A 44 26.92 -10.31 -2.80
C PRO A 44 26.48 -9.66 -4.10
N GLY A 45 26.53 -8.33 -4.11
CA GLY A 45 26.19 -7.57 -5.29
C GLY A 45 24.73 -7.21 -5.41
N TYR A 46 23.87 -7.66 -4.51
CA TYR A 46 22.46 -7.33 -4.63
C TYR A 46 22.12 -6.17 -3.70
N SER A 47 21.36 -5.22 -4.22
CA SER A 47 20.94 -4.06 -3.43
C SER A 47 19.61 -4.39 -2.77
N TYR A 48 19.67 -4.78 -1.49
CA TYR A 48 18.46 -5.07 -0.76
C TYR A 48 17.82 -3.76 -0.34
N THR A 49 16.54 -3.82 -0.03
CA THR A 49 15.88 -2.66 0.52
C THR A 49 15.88 -2.80 2.04
N ALA A 50 15.31 -1.80 2.71
CA ALA A 50 15.58 -1.63 4.12
C ALA A 50 15.25 -2.90 4.90
N ALA A 51 14.13 -3.54 4.58
CA ALA A 51 13.69 -4.74 5.27
C ALA A 51 14.18 -5.96 4.49
N ASN A 52 14.85 -6.89 5.21
CA ASN A 52 15.55 -8.11 4.76
C ASN A 52 16.88 -8.11 5.51
N LYS A 53 17.60 -6.99 5.45
CA LYS A 53 18.92 -6.87 6.07
C LYS A 53 18.83 -7.02 7.58
N ASN A 54 17.95 -6.23 8.18
CA ASN A 54 17.71 -6.14 9.63
C ASN A 54 17.10 -7.37 10.29
N LYS A 55 17.32 -8.58 9.76
CA LYS A 55 16.74 -9.75 10.41
C LYS A 55 17.67 -10.43 11.42
N GLY A 56 18.90 -10.81 11.03
CA GLY A 56 19.70 -11.70 11.88
C GLY A 56 19.34 -13.17 11.78
N ILE A 57 18.43 -13.52 10.90
CA ILE A 57 17.96 -14.88 10.65
C ILE A 57 18.85 -15.61 9.64
N ILE A 58 19.03 -16.92 9.84
CA ILE A 58 19.77 -17.76 8.90
C ILE A 58 18.78 -18.52 8.05
N TRP A 59 18.96 -18.47 6.73
CA TRP A 59 18.10 -19.21 5.84
C TRP A 59 18.38 -20.70 5.97
N GLY A 60 17.31 -21.49 6.08
CA GLY A 60 17.41 -22.92 6.05
C GLY A 60 16.04 -23.51 5.75
N GLU A 61 15.98 -24.84 5.80
CA GLU A 61 14.73 -25.55 5.60
C GLU A 61 13.59 -24.92 6.41
N ASP A 62 13.80 -24.77 7.70
CA ASP A 62 12.73 -24.31 8.58
C ASP A 62 12.39 -22.84 8.33
N THR A 63 13.38 -21.95 8.14
CA THR A 63 13.01 -20.55 7.90
C THR A 63 12.40 -20.35 6.51
N LEU A 64 12.88 -21.10 5.53
CA LEU A 64 12.21 -21.09 4.25
C LEU A 64 10.76 -21.55 4.38
N MET A 65 10.52 -22.59 5.18
CA MET A 65 9.16 -23.12 5.32
C MET A 65 8.25 -22.05 5.89
N GLU A 66 8.72 -21.33 6.90
CA GLU A 66 7.89 -20.29 7.49
C GLU A 66 7.73 -19.13 6.55
N TYR A 67 8.81 -18.76 5.85
CA TYR A 67 8.75 -17.70 4.86
C TYR A 67 7.64 -17.96 3.83
N LEU A 68 7.70 -19.12 3.18
CA LEU A 68 6.74 -19.49 2.13
C LEU A 68 5.31 -19.63 2.67
N GLU A 69 5.18 -20.02 3.94
CA GLU A 69 3.87 -20.27 4.49
C GLU A 69 3.12 -19.00 4.86
N ASN A 70 3.80 -17.91 5.21
CA ASN A 70 3.11 -16.65 5.46
C ASN A 70 3.97 -15.53 4.93
N PRO A 71 4.04 -15.41 3.61
CA PRO A 71 4.96 -14.42 3.02
C PRO A 71 4.64 -12.99 3.40
N ALA A 72 3.36 -12.65 3.57
CA ALA A 72 2.95 -11.26 3.80
C ALA A 72 3.51 -10.72 5.11
N LYS A 73 3.72 -11.61 6.08
CA LYS A 73 4.29 -11.27 7.37
C LYS A 73 5.75 -10.86 7.27
N TYR A 74 6.47 -11.33 6.26
CA TYR A 74 7.92 -11.20 6.24
C TYR A 74 8.47 -10.49 5.02
N ILE A 75 7.76 -10.44 3.90
CA ILE A 75 8.32 -9.83 2.70
C ILE A 75 8.19 -8.32 2.80
N PRO A 76 9.17 -7.56 2.31
CA PRO A 76 9.07 -6.10 2.36
C PRO A 76 8.09 -5.58 1.32
N GLY A 77 7.70 -4.31 1.51
CA GLY A 77 6.76 -3.67 0.61
C GLY A 77 7.14 -3.78 -0.86
N THR A 78 8.42 -3.63 -1.17
CA THR A 78 8.83 -3.69 -2.58
C THR A 78 8.48 -5.03 -3.20
N LYS A 79 8.87 -6.12 -2.53
CA LYS A 79 8.58 -7.43 -3.10
C LYS A 79 7.09 -7.67 -3.14
N MET A 80 6.37 -7.25 -2.10
CA MET A 80 4.91 -7.37 -2.11
C MET A 80 4.30 -6.74 -3.36
N ILE A 81 4.80 -5.57 -3.77
CA ILE A 81 4.27 -4.95 -4.98
C ILE A 81 4.62 -5.81 -6.20
N PHE A 82 5.89 -6.20 -6.35
CA PHE A 82 6.28 -6.98 -7.52
C PHE A 82 5.50 -8.27 -7.60
N VAL A 83 5.35 -8.94 -6.46
CA VAL A 83 4.67 -10.23 -6.45
C VAL A 83 3.20 -10.05 -6.80
N GLY A 84 2.55 -9.02 -6.22
CA GLY A 84 1.18 -8.74 -6.55
C GLY A 84 0.98 -8.41 -8.01
N ILE A 85 1.97 -7.80 -8.65
CA ILE A 85 1.87 -7.55 -10.08
C ILE A 85 1.90 -8.86 -10.85
N LYS A 86 2.81 -9.76 -10.47
CA LYS A 86 2.89 -11.05 -11.18
C LYS A 86 1.64 -11.89 -10.97
N LYS A 87 1.09 -11.86 -9.76
CA LYS A 87 -0.12 -12.61 -9.44
C LYS A 87 -1.34 -12.08 -10.18
N LYS A 88 -1.43 -10.74 -10.38
CA LYS A 88 -2.50 -10.17 -11.18
C LYS A 88 -2.43 -10.68 -12.61
N GLU A 89 -1.23 -10.69 -13.22
CA GLU A 89 -1.08 -11.25 -14.59
C GLU A 89 -1.40 -12.74 -14.65
N GLU A 90 -0.97 -13.51 -13.65
CA GLU A 90 -1.24 -14.95 -13.62
C GLU A 90 -2.74 -15.21 -13.56
N ARG A 91 -3.46 -14.43 -12.77
CA ARG A 91 -4.90 -14.55 -12.68
C ARG A 91 -5.59 -14.27 -13.99
N ALA A 92 -5.16 -13.23 -14.70
CA ALA A 92 -5.77 -12.91 -15.97
C ALA A 92 -5.47 -13.99 -17.00
N ASP A 93 -4.26 -14.55 -16.95
CA ASP A 93 -3.91 -15.62 -17.89
C ASP A 93 -4.74 -16.88 -17.57
N LEU A 94 -4.91 -17.21 -16.28
CA LEU A 94 -5.65 -18.40 -15.87
C LEU A 94 -7.10 -18.29 -16.30
N ILE A 95 -7.71 -17.14 -16.02
CA ILE A 95 -9.08 -16.87 -16.44
C ILE A 95 -9.20 -16.92 -17.94
N ALA A 96 -8.24 -16.38 -18.66
CA ALA A 96 -8.30 -16.47 -20.10
C ALA A 96 -8.30 -17.92 -20.55
N TYR A 97 -7.41 -18.71 -19.99
CA TYR A 97 -7.36 -20.13 -20.32
C TYR A 97 -8.66 -20.82 -19.97
N LEU A 98 -9.22 -20.54 -18.79
CA LEU A 98 -10.45 -21.19 -18.41
C LEU A 98 -11.60 -20.84 -19.34
N LYS A 99 -11.73 -19.58 -19.73
CA LYS A 99 -12.85 -19.24 -20.60
C LYS A 99 -12.72 -19.92 -21.95
N LYS A 100 -11.50 -20.25 -22.35
CA LYS A 100 -11.30 -21.02 -23.57
C LYS A 100 -11.54 -22.51 -23.33
N ALA A 101 -10.90 -23.08 -22.30
CA ALA A 101 -10.83 -24.54 -22.15
C ALA A 101 -12.18 -25.10 -21.74
N THR A 102 -12.88 -24.40 -20.87
CA THR A 102 -14.17 -24.86 -20.37
C THR A 102 -15.31 -24.63 -21.34
N ASN A 103 -15.06 -24.00 -22.48
CA ASN A 103 -16.08 -23.77 -23.51
C ASN A 103 -15.72 -24.43 -24.82
N GLU A 104 -14.63 -25.17 -24.87
CA GLU A 104 -14.19 -25.94 -26.04
C GLU A 104 -14.84 -27.32 -26.11
N GLY B 1 -4.38 -11.48 -22.03
CA GLY B 1 -4.68 -12.78 -21.35
C GLY B 1 -4.13 -13.95 -22.13
N ASP B 2 -2.97 -14.42 -21.71
CA ASP B 2 -2.20 -15.45 -22.42
C ASP B 2 -2.75 -16.81 -22.05
N VAL B 3 -3.44 -17.44 -22.99
CA VAL B 3 -4.13 -18.71 -22.76
C VAL B 3 -3.13 -19.84 -22.56
N GLU B 4 -1.98 -19.77 -23.22
CA GLU B 4 -1.00 -20.83 -23.07
C GLU B 4 -0.33 -20.78 -21.70
N LYS B 5 -0.01 -19.59 -21.24
CA LYS B 5 0.50 -19.47 -19.87
C LYS B 5 -0.59 -19.88 -18.88
N GLY B 6 -1.84 -19.50 -19.18
CA GLY B 6 -2.95 -19.85 -18.30
C GLY B 6 -3.09 -21.36 -18.12
N LYS B 7 -2.82 -22.11 -19.18
CA LYS B 7 -2.84 -23.55 -19.13
C LYS B 7 -1.79 -24.09 -18.16
N LYS B 8 -0.57 -23.56 -18.23
CA LYS B 8 0.49 -24.00 -17.33
C LYS B 8 0.13 -23.72 -15.88
N ILE B 9 -0.45 -22.54 -15.64
CA ILE B 9 -0.87 -22.23 -14.28
C ILE B 9 -1.92 -23.24 -13.82
N PHE B 10 -2.87 -23.55 -14.71
CA PHE B 10 -3.94 -24.47 -14.36
C PHE B 10 -3.38 -25.86 -14.02
N ILE B 11 -2.49 -26.36 -14.85
CA ILE B 11 -1.89 -27.65 -14.57
C ILE B 11 -1.26 -27.66 -13.19
N MET B 12 -0.44 -26.64 -12.91
CA MET B 12 0.31 -26.59 -11.66
C MET B 12 -0.61 -26.41 -10.46
N LYS B 13 -1.63 -25.58 -10.60
CA LYS B 13 -2.34 -25.10 -9.42
C LYS B 13 -3.73 -25.72 -9.24
N CYS B 14 -4.33 -26.30 -10.31
CA CYS B 14 -5.73 -26.76 -10.27
C CYS B 14 -5.95 -28.17 -10.79
N SER B 15 -5.15 -28.60 -11.76
CA SER B 15 -5.47 -29.85 -12.45
C SER B 15 -5.42 -31.07 -11.55
N GLN B 16 -4.78 -31.00 -10.39
CA GLN B 16 -4.82 -32.15 -9.49
C GLN B 16 -6.25 -32.47 -9.06
N CYS B 17 -7.08 -31.45 -8.89
CA CYS B 17 -8.44 -31.57 -8.39
C CYS B 17 -9.52 -31.27 -9.42
N HIS B 18 -9.18 -30.69 -10.55
CA HIS B 18 -10.19 -30.32 -11.54
C HIS B 18 -9.78 -30.77 -12.93
N THR B 19 -10.77 -31.22 -13.71
CA THR B 19 -10.71 -31.30 -15.16
C THR B 19 -11.55 -30.17 -15.75
N VAL B 20 -11.27 -29.84 -17.01
CA VAL B 20 -11.96 -28.77 -17.73
C VAL B 20 -12.69 -29.29 -18.97
N GLU B 21 -12.42 -30.50 -19.40
CA GLU B 21 -12.91 -30.96 -20.69
C GLU B 21 -14.36 -31.45 -20.57
N LYS B 22 -15.07 -31.37 -21.70
CA LYS B 22 -16.45 -31.84 -21.78
C LYS B 22 -16.51 -33.35 -21.47
N GLY B 23 -17.35 -33.72 -20.52
CA GLY B 23 -17.35 -35.09 -20.09
C GLY B 23 -16.16 -35.47 -19.25
N GLY B 24 -15.33 -34.52 -18.89
CA GLY B 24 -14.22 -34.85 -18.03
C GLY B 24 -14.66 -35.23 -16.64
N LYS B 25 -13.80 -35.99 -15.99
CA LYS B 25 -14.15 -36.67 -14.73
C LYS B 25 -14.28 -35.67 -13.59
N HIS B 26 -15.16 -35.97 -12.65
CA HIS B 26 -15.08 -35.33 -11.34
C HIS B 26 -13.93 -35.96 -10.57
N LYS B 27 -13.14 -35.12 -9.93
CA LYS B 27 -12.06 -35.61 -9.12
C LYS B 27 -12.27 -35.06 -7.73
N THR B 28 -11.22 -34.63 -7.02
CA THR B 28 -11.50 -34.04 -5.70
C THR B 28 -12.48 -32.90 -5.87
N GLY B 29 -12.30 -32.10 -6.89
CA GLY B 29 -13.24 -31.06 -7.21
C GLY B 29 -14.00 -31.35 -8.50
N PRO B 30 -15.04 -30.58 -8.72
CA PRO B 30 -15.89 -30.77 -9.91
C PRO B 30 -15.19 -30.46 -11.22
N ASN B 31 -15.54 -31.24 -12.26
CA ASN B 31 -15.26 -30.82 -13.63
C ASN B 31 -15.83 -29.43 -13.89
N LEU B 32 -15.09 -28.64 -14.66
CA LEU B 32 -15.36 -27.22 -14.79
C LEU B 32 -15.93 -26.85 -16.14
N HIS B 33 -16.17 -27.80 -17.02
CA HIS B 33 -16.62 -27.45 -18.35
C HIS B 33 -17.97 -26.74 -18.28
N GLY B 34 -18.15 -25.72 -19.10
CA GLY B 34 -19.40 -24.99 -19.10
C GLY B 34 -19.60 -24.06 -17.92
N LEU B 35 -18.57 -23.88 -17.07
CA LEU B 35 -18.65 -23.09 -15.83
C LEU B 35 -19.17 -21.67 -16.04
N PHE B 36 -18.72 -21.00 -17.10
CA PHE B 36 -18.99 -19.58 -17.32
C PHE B 36 -20.47 -19.34 -17.58
N GLY B 37 -21.10 -18.52 -16.77
CA GLY B 37 -22.51 -18.34 -16.89
C GLY B 37 -23.31 -19.34 -16.11
N ARG B 38 -22.67 -20.26 -15.39
CA ARG B 38 -23.42 -21.19 -14.55
C ARG B 38 -23.38 -20.71 -13.11
N LYS B 39 -24.45 -20.99 -12.39
CA LYS B 39 -24.52 -20.73 -10.95
C LYS B 39 -23.54 -21.62 -10.18
N THR B 40 -23.15 -21.16 -9.01
CA THR B 40 -22.34 -21.97 -8.11
C THR B 40 -23.09 -23.25 -7.74
N GLY B 41 -22.34 -24.33 -7.58
CA GLY B 41 -22.90 -25.58 -7.07
C GLY B 41 -23.77 -26.38 -8.02
N GLN B 42 -23.54 -26.27 -9.33
CA GLN B 42 -24.43 -26.88 -10.33
C GLN B 42 -23.70 -27.81 -11.27
N ALA B 43 -22.49 -28.24 -10.91
CA ALA B 43 -21.83 -29.20 -11.80
C ALA B 43 -22.59 -30.53 -11.70
N PRO B 44 -23.14 -31.05 -12.80
CA PRO B 44 -23.97 -32.27 -12.67
C PRO B 44 -23.14 -33.49 -12.26
N GLY B 45 -23.70 -34.29 -11.36
CA GLY B 45 -23.00 -35.49 -10.91
C GLY B 45 -22.05 -35.30 -9.75
N TYR B 46 -21.81 -34.07 -9.30
CA TYR B 46 -20.79 -33.82 -8.28
C TYR B 46 -21.41 -33.57 -6.91
N SER B 47 -20.83 -34.21 -5.88
CA SER B 47 -21.27 -34.04 -4.49
C SER B 47 -20.48 -32.94 -3.79
N TYR B 48 -21.09 -31.76 -3.68
CA TYR B 48 -20.59 -30.60 -2.99
C TYR B 48 -20.87 -30.66 -1.49
N THR B 49 -20.16 -29.81 -0.73
CA THR B 49 -20.54 -29.49 0.64
C THR B 49 -21.23 -28.11 0.69
N ALA B 50 -21.72 -27.74 1.87
CA ALA B 50 -22.74 -26.69 1.96
C ALA B 50 -22.24 -25.33 1.49
N ALA B 51 -20.99 -24.99 1.82
CA ALA B 51 -20.50 -23.61 1.73
C ALA B 51 -19.94 -23.34 0.34
N ASN B 52 -20.86 -23.04 -0.58
CA ASN B 52 -20.61 -22.83 -2.00
C ASN B 52 -21.99 -22.86 -2.66
N LYS B 53 -22.80 -23.88 -2.34
CA LYS B 53 -24.12 -24.00 -2.96
C LYS B 53 -25.00 -22.83 -2.56
N ASN B 54 -26.24 -22.82 -3.06
CA ASN B 54 -27.30 -21.82 -2.81
C ASN B 54 -26.84 -20.38 -2.74
N LYS B 55 -25.75 -20.04 -3.45
CA LYS B 55 -25.26 -18.66 -3.42
C LYS B 55 -26.09 -17.76 -4.32
N GLY B 56 -26.47 -18.24 -5.50
CA GLY B 56 -27.00 -17.31 -6.47
C GLY B 56 -25.93 -16.58 -7.24
N ILE B 57 -24.66 -16.90 -7.00
CA ILE B 57 -23.57 -16.28 -7.73
C ILE B 57 -23.43 -17.00 -9.07
N ILE B 58 -23.21 -16.24 -10.14
CA ILE B 58 -22.95 -16.81 -11.44
C ILE B 58 -21.45 -16.68 -11.68
N TRP B 59 -20.82 -17.79 -12.07
CA TRP B 59 -19.41 -17.79 -12.41
C TRP B 59 -19.19 -17.05 -13.73
N GLY B 60 -18.18 -16.18 -13.73
CA GLY B 60 -17.73 -15.50 -14.91
C GLY B 60 -16.34 -14.92 -14.68
N GLU B 61 -15.89 -14.15 -15.65
CA GLU B 61 -14.58 -13.49 -15.57
C GLU B 61 -14.38 -12.79 -14.21
N ASP B 62 -15.35 -11.96 -13.81
CA ASP B 62 -15.17 -11.16 -12.59
C ASP B 62 -15.31 -11.98 -11.31
N THR B 63 -16.27 -12.91 -11.24
CA THR B 63 -16.39 -13.71 -10.03
C THR B 63 -15.24 -14.67 -9.89
N LEU B 64 -14.77 -15.23 -11.00
CA LEU B 64 -13.58 -16.05 -10.92
C LEU B 64 -12.39 -15.23 -10.44
N MET B 65 -12.25 -14.01 -10.94
CA MET B 65 -11.15 -13.14 -10.53
C MET B 65 -11.21 -12.86 -9.04
N GLU B 66 -12.39 -12.64 -8.49
CA GLU B 66 -12.53 -12.36 -7.06
C GLU B 66 -12.22 -13.61 -6.23
N TYR B 67 -12.68 -14.78 -6.69
CA TYR B 67 -12.36 -16.07 -6.11
C TYR B 67 -10.85 -16.26 -5.95
N LEU B 68 -10.10 -16.05 -7.01
CA LEU B 68 -8.65 -16.19 -6.91
C LEU B 68 -8.03 -15.13 -5.99
N GLU B 69 -8.61 -13.93 -5.94
CA GLU B 69 -8.05 -12.87 -5.13
C GLU B 69 -8.47 -12.94 -3.66
N ASN B 70 -9.64 -13.48 -3.38
CA ASN B 70 -10.19 -13.55 -2.01
C ASN B 70 -10.87 -14.90 -1.80
N PRO B 71 -10.10 -15.98 -1.73
CA PRO B 71 -10.73 -17.32 -1.65
C PRO B 71 -11.62 -17.49 -0.45
N ALA B 72 -11.37 -16.76 0.64
CA ALA B 72 -12.21 -16.88 1.82
C ALA B 72 -13.68 -16.55 1.51
N LYS B 73 -13.92 -15.73 0.49
CA LYS B 73 -15.28 -15.41 0.11
C LYS B 73 -16.02 -16.64 -0.42
N TYR B 74 -15.26 -17.60 -0.94
CA TYR B 74 -15.90 -18.70 -1.64
C TYR B 74 -15.50 -20.11 -1.20
N ILE B 75 -14.29 -20.36 -0.70
CA ILE B 75 -13.97 -21.77 -0.53
C ILE B 75 -14.42 -22.27 0.84
N PRO B 76 -15.00 -23.46 0.85
CA PRO B 76 -15.44 -24.04 2.11
C PRO B 76 -14.24 -24.59 2.85
N GLY B 77 -14.45 -24.83 4.15
CA GLY B 77 -13.42 -25.42 4.98
C GLY B 77 -12.85 -26.70 4.40
N THR B 78 -13.70 -27.52 3.78
CA THR B 78 -13.24 -28.76 3.18
C THR B 78 -12.17 -28.50 2.12
N LYS B 79 -12.48 -27.60 1.21
CA LYS B 79 -11.51 -27.26 0.19
C LYS B 79 -10.28 -26.59 0.79
N MET B 80 -10.45 -25.70 1.79
CA MET B 80 -9.27 -25.13 2.45
C MET B 80 -8.32 -26.21 2.90
N ILE B 81 -8.84 -27.29 3.48
CA ILE B 81 -7.96 -28.35 3.94
C ILE B 81 -7.25 -29.02 2.76
N PHE B 82 -8.01 -29.37 1.71
CA PHE B 82 -7.39 -30.03 0.56
C PHE B 82 -6.28 -29.17 -0.03
N VAL B 83 -6.54 -27.88 -0.17
CA VAL B 83 -5.56 -26.98 -0.75
C VAL B 83 -4.36 -26.78 0.19
N GLY B 84 -4.62 -26.60 1.49
CA GLY B 84 -3.52 -26.50 2.42
C GLY B 84 -2.64 -27.75 2.45
N ILE B 85 -3.23 -28.93 2.28
CA ILE B 85 -2.42 -30.14 2.18
C ILE B 85 -1.56 -30.05 0.94
N LYS B 86 -2.13 -29.60 -0.16
CA LYS B 86 -1.36 -29.52 -1.40
C LYS B 86 -0.22 -28.50 -1.30
N LYS B 87 -0.47 -27.35 -0.67
CA LYS B 87 0.53 -26.30 -0.59
C LYS B 87 1.72 -26.75 0.29
N LYS B 88 1.44 -27.49 1.34
CA LYS B 88 2.50 -28.06 2.16
C LYS B 88 3.40 -28.98 1.34
N GLU B 89 2.80 -29.89 0.56
CA GLU B 89 3.61 -30.75 -0.30
C GLU B 89 4.43 -29.92 -1.26
N GLU B 90 3.83 -28.85 -1.80
CA GLU B 90 4.54 -27.98 -2.72
C GLU B 90 5.72 -27.32 -2.04
N ARG B 91 5.52 -26.82 -0.82
CA ARG B 91 6.59 -26.18 -0.09
C ARG B 91 7.74 -27.14 0.16
N ALA B 92 7.44 -28.41 0.47
CA ALA B 92 8.51 -29.36 0.73
C ALA B 92 9.26 -29.72 -0.55
N ASP B 93 8.56 -29.83 -1.68
CA ASP B 93 9.25 -30.13 -2.92
C ASP B 93 10.11 -28.94 -3.37
N LEU B 94 9.60 -27.72 -3.19
CA LEU B 94 10.35 -26.53 -3.56
C LEU B 94 11.60 -26.40 -2.72
N ILE B 95 11.47 -26.59 -1.40
CA ILE B 95 12.60 -26.51 -0.50
C ILE B 95 13.63 -27.59 -0.82
N ALA B 96 13.19 -28.79 -1.15
CA ALA B 96 14.11 -29.88 -1.53
C ALA B 96 14.83 -29.54 -2.81
N TYR B 97 14.11 -28.98 -3.78
CA TYR B 97 14.75 -28.54 -5.00
C TYR B 97 15.78 -27.47 -4.72
N LEU B 98 15.41 -26.47 -3.92
CA LEU B 98 16.32 -25.36 -3.66
C LEU B 98 17.59 -25.85 -2.96
N LYS B 99 17.47 -26.76 -1.98
CA LYS B 99 18.65 -27.22 -1.28
C LYS B 99 19.55 -28.03 -2.20
N LYS B 100 19.01 -28.57 -3.27
CA LYS B 100 19.87 -29.17 -4.30
C LYS B 100 20.44 -28.10 -5.22
N ALA B 101 19.57 -27.25 -5.80
CA ALA B 101 19.99 -26.35 -6.88
C ALA B 101 20.88 -25.23 -6.35
N THR B 102 20.62 -24.72 -5.14
CA THR B 102 21.44 -23.63 -4.63
C THR B 102 22.79 -24.11 -4.09
N ASN B 103 23.03 -25.42 -4.07
CA ASN B 103 24.27 -26.02 -3.61
C ASN B 103 25.03 -26.75 -4.71
N GLU B 104 24.63 -26.60 -5.98
CA GLU B 104 25.29 -27.25 -7.11
C GLU B 104 26.50 -26.46 -7.61
N GLY C 1 11.66 29.89 12.21
CA GLY C 1 12.17 30.58 13.42
C GLY C 1 11.11 30.99 14.45
N ASP C 2 9.85 31.11 14.03
CA ASP C 2 8.78 31.57 14.93
C ASP C 2 8.24 30.39 15.75
N VAL C 3 8.59 30.37 17.06
CA VAL C 3 8.30 29.23 17.94
C VAL C 3 6.82 29.10 18.30
N GLU C 4 6.09 30.22 18.44
CA GLU C 4 4.68 30.12 18.79
C GLU C 4 3.87 29.63 17.62
N LYS C 5 4.21 30.03 16.41
CA LYS C 5 3.52 29.45 15.26
C LYS C 5 3.87 27.98 15.12
N GLY C 6 5.15 27.63 15.28
CA GLY C 6 5.54 26.24 15.16
C GLY C 6 4.78 25.37 16.14
N LYS C 7 4.48 25.92 17.31
CA LYS C 7 3.67 25.20 18.28
C LYS C 7 2.27 24.93 17.73
N LYS C 8 1.62 25.94 17.16
CA LYS C 8 0.29 25.75 16.58
C LYS C 8 0.36 24.73 15.45
N ILE C 9 1.42 24.77 14.65
CA ILE C 9 1.61 23.72 13.65
C ILE C 9 1.78 22.37 14.30
N PHE C 10 2.61 22.27 15.36
CA PHE C 10 2.81 20.95 15.96
C PHE C 10 1.48 20.36 16.46
N ILE C 11 0.67 21.18 17.14
CA ILE C 11 -0.60 20.72 17.67
C ILE C 11 -1.48 20.19 16.55
N MET C 12 -1.57 20.95 15.45
CA MET C 12 -2.47 20.63 14.35
C MET C 12 -2.00 19.41 13.57
N LYS C 13 -0.68 19.27 13.36
CA LYS C 13 -0.18 18.25 12.44
C LYS C 13 0.49 17.06 13.11
N CYS C 14 0.90 17.17 14.39
CA CYS C 14 1.71 16.13 15.03
C CYS C 14 1.21 15.68 16.39
N SER C 15 0.56 16.57 17.15
CA SER C 15 0.34 16.25 18.55
C SER C 15 -0.59 15.05 18.76
N GLN C 16 -1.42 14.71 17.79
CA GLN C 16 -2.25 13.51 17.91
C GLN C 16 -1.43 12.25 18.10
N CYS C 17 -0.25 12.19 17.48
CA CYS C 17 0.59 10.99 17.53
C CYS C 17 1.87 11.14 18.34
N HIS C 18 2.29 12.35 18.69
CA HIS C 18 3.56 12.57 19.36
C HIS C 18 3.40 13.53 20.53
N THR C 19 4.11 13.25 21.62
CA THR C 19 4.37 14.23 22.67
C THR C 19 5.83 14.69 22.60
N VAL C 20 6.07 15.87 23.17
CA VAL C 20 7.40 16.49 23.18
C VAL C 20 7.97 16.65 24.59
N GLU C 21 7.16 16.47 25.63
CA GLU C 21 7.62 16.80 26.98
C GLU C 21 8.40 15.64 27.56
N LYS C 22 9.29 15.97 28.50
CA LYS C 22 10.12 14.96 29.16
C LYS C 22 9.27 13.95 29.93
N GLY C 23 9.47 12.66 29.66
CA GLY C 23 8.61 11.69 30.30
C GLY C 23 7.20 11.68 29.74
N GLY C 24 6.96 12.39 28.64
CA GLY C 24 5.66 12.34 28.03
C GLY C 24 5.41 10.97 27.42
N LYS C 25 4.14 10.63 27.30
CA LYS C 25 3.82 9.26 26.95
C LYS C 25 4.14 9.00 25.48
N HIS C 26 4.49 7.74 25.21
CA HIS C 26 4.45 7.25 23.84
C HIS C 26 3.00 7.09 23.46
N LYS C 27 2.68 7.51 22.22
CA LYS C 27 1.35 7.41 21.65
C LYS C 27 1.44 6.61 20.35
N THR C 28 0.73 7.01 19.31
CA THR C 28 0.88 6.28 18.06
C THR C 28 2.33 6.29 17.62
N GLY C 29 2.97 7.47 17.75
CA GLY C 29 4.37 7.69 17.50
C GLY C 29 5.14 7.97 18.78
N PRO C 30 6.45 7.94 18.68
CA PRO C 30 7.27 8.11 19.89
C PRO C 30 7.22 9.52 20.47
N ASN C 31 7.30 9.58 21.81
CA ASN C 31 7.65 10.81 22.49
C ASN C 31 8.96 11.34 21.92
N LEU C 32 9.03 12.64 21.73
CA LEU C 32 10.08 13.25 20.94
C LEU C 32 11.11 14.00 21.78
N HIS C 33 11.01 13.96 23.10
CA HIS C 33 11.92 14.74 23.91
C HIS C 33 13.36 14.24 23.71
N GLY C 34 14.32 15.16 23.63
CA GLY C 34 15.69 14.75 23.43
C GLY C 34 16.02 14.33 22.02
N LEU C 35 15.07 14.48 21.08
CA LEU C 35 15.30 14.08 19.70
C LEU C 35 16.57 14.68 19.10
N PHE C 36 16.80 15.97 19.34
CA PHE C 36 17.89 16.67 18.65
C PHE C 36 19.24 16.11 19.10
N GLY C 37 19.99 15.54 18.16
CA GLY C 37 21.25 14.88 18.47
C GLY C 37 21.12 13.40 18.80
N ARG C 38 19.93 12.85 18.75
CA ARG C 38 19.73 11.43 18.94
C ARG C 38 19.62 10.76 17.58
N LYS C 39 20.14 9.54 17.49
CA LYS C 39 19.97 8.70 16.32
C LYS C 39 18.50 8.34 16.12
N THR C 40 18.16 8.00 14.88
CA THR C 40 16.82 7.53 14.58
C THR C 40 16.51 6.26 15.35
N GLY C 41 15.25 6.11 15.72
CA GLY C 41 14.77 4.86 16.30
C GLY C 41 15.27 4.53 17.69
N GLN C 42 15.57 5.54 18.52
CA GLN C 42 16.21 5.34 19.82
C GLN C 42 15.43 5.92 20.98
N ALA C 43 14.15 6.18 20.81
CA ALA C 43 13.38 6.69 21.94
C ALA C 43 13.15 5.54 22.91
N PRO C 44 13.53 5.67 24.18
CA PRO C 44 13.44 4.53 25.07
C PRO C 44 12.00 4.07 25.28
N GLY C 45 11.80 2.77 25.20
CA GLY C 45 10.51 2.22 25.45
C GLY C 45 9.60 2.15 24.26
N TYR C 46 10.02 2.67 23.11
CA TYR C 46 9.14 2.68 21.96
C TYR C 46 9.52 1.54 21.01
N SER C 47 8.51 0.80 20.54
CA SER C 47 8.72 -0.27 19.59
C SER C 47 8.55 0.30 18.19
N TYR C 48 9.67 0.62 17.53
CA TYR C 48 9.65 1.10 16.16
C TYR C 48 9.46 -0.09 15.23
N THR C 49 9.02 0.20 14.00
CA THR C 49 8.93 -0.84 12.98
C THR C 49 10.14 -0.76 12.07
N ALA C 50 10.28 -1.74 11.18
CA ALA C 50 11.58 -2.07 10.61
C ALA C 50 12.25 -0.86 9.98
N ALA C 51 11.49 -0.03 9.26
CA ALA C 51 12.08 1.13 8.59
C ALA C 51 11.96 2.32 9.56
N ASN C 52 13.10 2.98 9.82
CA ASN C 52 13.27 3.98 10.88
C ASN C 52 13.72 3.19 12.11
N LYS C 53 15.06 3.03 12.24
CA LYS C 53 15.76 2.14 13.16
C LYS C 53 16.93 1.62 12.34
N ASN C 54 16.71 1.61 11.03
CA ASN C 54 17.65 1.17 10.01
C ASN C 54 18.20 2.34 9.21
N LYS C 55 18.23 3.54 9.82
CA LYS C 55 18.78 4.71 9.16
C LYS C 55 20.20 5.03 9.59
N GLY C 56 20.48 5.09 10.90
CA GLY C 56 21.78 5.52 11.38
C GLY C 56 22.02 7.02 11.33
N ILE C 57 21.02 7.79 10.95
CA ILE C 57 21.08 9.23 10.81
C ILE C 57 20.86 9.87 12.17
N ILE C 58 21.40 11.07 12.37
CA ILE C 58 21.17 11.83 13.60
C ILE C 58 20.14 12.91 13.35
N TRP C 59 19.15 13.00 14.23
CA TRP C 59 18.14 14.02 14.11
C TRP C 59 18.71 15.40 14.48
N GLY C 60 18.40 16.36 13.64
CA GLY C 60 18.69 17.75 13.87
C GLY C 60 17.91 18.58 12.90
N GLU C 61 18.23 19.86 12.91
CA GLU C 61 17.62 20.83 11.99
C GLU C 61 17.60 20.35 10.55
N ASP C 62 18.76 20.00 10.00
CA ASP C 62 18.83 19.66 8.57
C ASP C 62 18.14 18.33 8.27
N THR C 63 18.26 17.33 9.15
CA THR C 63 17.59 16.05 8.89
C THR C 63 16.07 16.15 9.03
N LEU C 64 15.57 16.87 10.02
CA LEU C 64 14.14 17.11 10.15
C LEU C 64 13.57 17.85 8.96
N MET C 65 14.29 18.85 8.46
CA MET C 65 13.82 19.64 7.34
C MET C 65 13.64 18.78 6.09
N GLU C 66 14.58 17.87 5.82
CA GLU C 66 14.47 16.95 4.68
C GLU C 66 13.33 15.96 4.89
N TYR C 67 13.23 15.43 6.10
CA TYR C 67 12.12 14.58 6.49
C TYR C 67 10.78 15.24 6.19
N LEU C 68 10.58 16.46 6.72
CA LEU C 68 9.32 17.18 6.53
C LEU C 68 9.07 17.57 5.08
N GLU C 69 10.13 17.81 4.32
CA GLU C 69 9.98 18.23 2.92
C GLU C 69 9.62 17.08 1.99
N ASN C 70 10.04 15.86 2.28
CA ASN C 70 9.69 14.71 1.42
C ASN C 70 9.39 13.51 2.29
N PRO C 71 8.26 13.54 2.99
CA PRO C 71 7.98 12.46 3.96
C PRO C 71 7.82 11.10 3.30
N ALA C 72 7.23 11.04 2.10
CA ALA C 72 6.98 9.75 1.44
C ALA C 72 8.27 9.05 1.12
N LYS C 73 9.33 9.83 0.94
CA LYS C 73 10.65 9.28 0.68
C LYS C 73 11.22 8.55 1.89
N TYR C 74 10.81 8.92 3.11
CA TYR C 74 11.48 8.44 4.33
C TYR C 74 10.60 7.72 5.33
N ILE C 75 9.28 7.91 5.34
CA ILE C 75 8.47 7.28 6.40
C ILE C 75 8.15 5.82 6.08
N PRO C 76 8.04 4.95 7.08
CA PRO C 76 7.66 3.57 6.81
C PRO C 76 6.17 3.44 6.51
N GLY C 77 5.84 2.32 5.86
CA GLY C 77 4.45 2.03 5.52
C GLY C 77 3.48 2.19 6.67
N THR C 78 3.88 1.79 7.87
CA THR C 78 2.97 1.95 9.00
C THR C 78 2.58 3.40 9.18
N LYS C 79 3.56 4.28 9.27
CA LYS C 79 3.23 5.69 9.48
C LYS C 79 2.47 6.24 8.28
N MET C 80 2.85 5.81 7.08
CA MET C 80 2.15 6.29 5.89
C MET C 80 0.64 6.02 6.03
N ILE C 81 0.28 4.84 6.52
CA ILE C 81 -1.14 4.50 6.67
C ILE C 81 -1.77 5.41 7.71
N PHE C 82 -1.13 5.52 8.89
CA PHE C 82 -1.68 6.36 9.96
C PHE C 82 -1.86 7.78 9.50
N VAL C 83 -0.86 8.33 8.81
CA VAL C 83 -0.96 9.73 8.38
C VAL C 83 -2.06 9.88 7.34
N GLY C 84 -2.12 8.95 6.39
CA GLY C 84 -3.17 8.99 5.38
C GLY C 84 -4.56 8.88 5.99
N ILE C 85 -4.70 8.15 7.09
CA ILE C 85 -5.97 8.11 7.78
C ILE C 85 -6.31 9.47 8.36
N LYS C 86 -5.34 10.09 9.04
CA LYS C 86 -5.57 11.38 9.68
C LYS C 86 -5.89 12.44 8.65
N LYS C 87 -5.20 12.39 7.49
CA LYS C 87 -5.43 13.40 6.44
C LYS C 87 -6.81 13.25 5.81
N LYS C 88 -7.31 12.02 5.68
CA LYS C 88 -8.68 11.78 5.22
C LYS C 88 -9.70 12.44 6.15
N GLU C 89 -9.56 12.24 7.46
CA GLU C 89 -10.49 12.92 8.37
C GLU C 89 -10.36 14.43 8.27
N GLU C 90 -9.12 14.95 8.17
CA GLU C 90 -8.92 16.38 8.06
C GLU C 90 -9.55 16.96 6.80
N ARG C 91 -9.40 16.28 5.66
CA ARG C 91 -10.05 16.76 4.45
C ARG C 91 -11.56 16.82 4.60
N ALA C 92 -12.17 15.81 5.25
CA ALA C 92 -13.63 15.80 5.37
C ALA C 92 -14.10 16.87 6.32
N ASP C 93 -13.34 17.11 7.40
CA ASP C 93 -13.74 18.18 8.33
C ASP C 93 -13.65 19.54 7.63
N LEU C 94 -12.59 19.75 6.84
CA LEU C 94 -12.39 21.02 6.13
C LEU C 94 -13.49 21.28 5.10
N ILE C 95 -13.83 20.28 4.28
CA ILE C 95 -14.90 20.42 3.30
C ILE C 95 -16.25 20.68 3.97
N ALA C 96 -16.50 20.01 5.09
CA ALA C 96 -17.71 20.29 5.85
C ALA C 96 -17.73 21.72 6.35
N TYR C 97 -16.59 22.20 6.86
CA TYR C 97 -16.49 23.58 7.28
C TYR C 97 -16.76 24.48 6.10
N LEU C 98 -16.15 24.16 4.96
CA LEU C 98 -16.32 25.01 3.78
C LEU C 98 -17.75 25.05 3.28
N LYS C 99 -18.44 23.90 3.23
CA LYS C 99 -19.82 23.89 2.79
C LYS C 99 -20.73 24.67 3.73
N LYS C 100 -20.38 24.83 5.01
CA LYS C 100 -21.17 25.74 5.86
C LYS C 100 -20.77 27.18 5.65
N ALA C 101 -19.46 27.44 5.70
CA ALA C 101 -18.94 28.80 5.78
C ALA C 101 -19.13 29.56 4.48
N THR C 102 -18.99 28.87 3.34
CA THR C 102 -19.11 29.54 2.04
C THR C 102 -20.54 29.75 1.58
N ASN C 103 -21.51 29.24 2.32
CA ASN C 103 -22.93 29.35 1.99
C ASN C 103 -23.72 30.10 3.07
N GLU C 104 -23.07 30.66 4.08
CA GLU C 104 -23.75 31.36 5.18
C GLU C 104 -25.00 32.12 4.78
N GLY D 1 -16.68 14.96 9.53
CA GLY D 1 -17.65 16.06 9.20
C GLY D 1 -17.73 17.12 10.29
N ASP D 2 -16.66 17.29 11.07
CA ASP D 2 -16.65 18.22 12.20
C ASP D 2 -16.29 19.63 11.73
N VAL D 3 -17.27 20.52 11.74
CA VAL D 3 -17.08 21.85 11.18
C VAL D 3 -16.16 22.65 12.07
N GLU D 4 -16.08 22.34 13.36
CA GLU D 4 -15.23 23.13 14.23
C GLU D 4 -13.77 22.83 13.96
N LYS D 5 -13.41 21.56 13.80
CA LYS D 5 -12.05 21.25 13.40
C LYS D 5 -11.78 21.75 11.99
N GLY D 6 -12.75 21.59 11.10
CA GLY D 6 -12.56 22.10 9.76
C GLY D 6 -12.26 23.58 9.78
N LYS D 7 -12.90 24.30 10.71
CA LYS D 7 -12.61 25.72 10.87
C LYS D 7 -11.13 25.95 11.26
N LYS D 8 -10.63 25.20 12.23
CA LYS D 8 -9.24 25.39 12.65
C LYS D 8 -8.30 25.01 11.52
N ILE D 9 -8.64 23.96 10.77
CA ILE D 9 -7.78 23.61 9.65
C ILE D 9 -7.75 24.75 8.64
N PHE D 10 -8.91 25.34 8.33
CA PHE D 10 -8.94 26.43 7.36
C PHE D 10 -8.13 27.64 7.81
N ILE D 11 -8.25 28.01 9.08
CA ILE D 11 -7.45 29.12 9.57
C ILE D 11 -5.97 28.83 9.35
N MET D 12 -5.53 27.63 9.74
CA MET D 12 -4.11 27.30 9.70
C MET D 12 -3.59 27.19 8.27
N LYS D 13 -4.38 26.58 7.39
CA LYS D 13 -3.85 26.20 6.09
C LYS D 13 -4.35 27.04 4.93
N CYS D 14 -5.41 27.84 5.14
CA CYS D 14 -6.04 28.55 4.01
C CYS D 14 -6.26 30.02 4.25
N SER D 15 -6.54 30.42 5.51
CA SER D 15 -7.03 31.79 5.74
C SER D 15 -6.00 32.85 5.39
N GLN D 16 -4.72 32.52 5.32
CA GLN D 16 -3.74 33.52 4.89
C GLN D 16 -4.04 34.05 3.50
N CYS D 17 -4.56 33.20 2.62
CA CYS D 17 -4.83 33.60 1.24
C CYS D 17 -6.30 33.73 0.87
N HIS D 18 -7.24 33.21 1.68
CA HIS D 18 -8.65 33.16 1.33
C HIS D 18 -9.54 33.63 2.47
N THR D 19 -10.60 34.35 2.12
CA THR D 19 -11.74 34.57 3.00
C THR D 19 -12.92 33.72 2.49
N VAL D 20 -13.89 33.45 3.37
CA VAL D 20 -15.03 32.60 3.05
C VAL D 20 -16.36 33.32 3.18
N GLU D 21 -16.41 34.46 3.85
CA GLU D 21 -17.63 35.13 4.22
C GLU D 21 -18.17 35.91 3.01
N LYS D 22 -19.49 36.14 3.00
CA LYS D 22 -20.12 36.82 1.86
C LYS D 22 -19.59 38.23 1.69
N GLY D 23 -19.13 38.54 0.48
CA GLY D 23 -18.53 39.84 0.27
C GLY D 23 -17.19 40.04 0.94
N GLY D 24 -16.60 38.99 1.50
CA GLY D 24 -15.26 39.09 2.05
C GLY D 24 -14.23 39.37 0.96
N LYS D 25 -13.08 39.88 1.37
CA LYS D 25 -12.15 40.46 0.41
C LYS D 25 -11.38 39.39 -0.36
N HIS D 26 -11.03 39.72 -1.59
CA HIS D 26 -9.99 38.99 -2.29
C HIS D 26 -8.63 39.32 -1.68
N LYS D 27 -7.83 38.31 -1.45
CA LYS D 27 -6.49 38.49 -0.96
C LYS D 27 -5.54 37.87 -1.96
N THR D 28 -4.53 37.16 -1.50
CA THR D 28 -3.71 36.45 -2.46
C THR D 28 -4.58 35.56 -3.33
N GLY D 29 -5.56 34.90 -2.72
CA GLY D 29 -6.50 34.06 -3.42
C GLY D 29 -7.88 34.63 -3.34
N PRO D 30 -8.78 34.11 -4.18
CA PRO D 30 -10.15 34.63 -4.21
C PRO D 30 -10.92 34.30 -2.97
N ASN D 31 -11.81 35.22 -2.62
CA ASN D 31 -12.89 34.91 -1.70
C ASN D 31 -13.64 33.69 -2.22
N LEU D 32 -14.06 32.84 -1.30
CA LEU D 32 -14.58 31.52 -1.65
C LEU D 32 -16.10 31.41 -1.45
N HIS D 33 -16.77 32.50 -1.11
CA HIS D 33 -18.20 32.46 -0.86
C HIS D 33 -18.95 32.06 -2.11
N GLY D 34 -19.92 31.19 -1.94
CA GLY D 34 -20.69 30.72 -3.04
C GLY D 34 -19.96 29.72 -3.91
N LEU D 35 -18.78 29.26 -3.47
CA LEU D 35 -17.95 28.33 -4.24
C LEU D 35 -18.71 27.09 -4.72
N PHE D 36 -19.52 26.51 -3.86
CA PHE D 36 -20.13 25.22 -4.16
C PHE D 36 -21.17 25.35 -5.29
N GLY D 37 -20.95 24.62 -6.37
CA GLY D 37 -21.79 24.75 -7.53
C GLY D 37 -21.34 25.80 -8.52
N ARG D 38 -20.24 26.48 -8.26
CA ARG D 38 -19.70 27.45 -9.19
C ARG D 38 -18.59 26.81 -10.01
N LYS D 39 -18.48 27.27 -11.25
CA LYS D 39 -17.37 26.83 -12.07
C LYS D 39 -16.06 27.38 -11.53
N THR D 40 -14.97 26.67 -11.81
CA THR D 40 -13.64 27.17 -11.43
C THR D 40 -13.40 28.51 -12.08
N GLY D 41 -12.71 29.39 -11.37
CA GLY D 41 -12.29 30.64 -11.97
C GLY D 41 -13.38 31.67 -12.19
N GLN D 42 -14.44 31.67 -11.39
CA GLN D 42 -15.58 32.56 -11.62
C GLN D 42 -15.88 33.44 -10.42
N ALA D 43 -14.94 33.63 -9.50
CA ALA D 43 -15.22 34.52 -8.39
C ALA D 43 -15.22 35.97 -8.90
N PRO D 44 -16.30 36.74 -8.72
CA PRO D 44 -16.32 38.09 -9.32
C PRO D 44 -15.28 38.99 -8.69
N GLY D 45 -14.54 39.71 -9.53
CA GLY D 45 -13.59 40.70 -9.06
C GLY D 45 -12.17 40.21 -8.86
N TYR D 46 -11.91 38.91 -9.06
CA TYR D 46 -10.58 38.37 -8.85
C TYR D 46 -9.88 38.16 -10.18
N SER D 47 -8.62 38.56 -10.24
CA SER D 47 -7.79 38.37 -11.43
C SER D 47 -7.08 37.02 -11.31
N TYR D 48 -7.61 36.02 -11.98
CA TYR D 48 -6.98 34.72 -12.00
C TYR D 48 -5.82 34.71 -12.96
N THR D 49 -4.97 33.68 -12.80
CA THR D 49 -3.89 33.37 -13.72
C THR D 49 -4.30 32.23 -14.67
N ALA D 50 -3.36 31.84 -15.54
CA ALA D 50 -3.72 31.08 -16.74
C ALA D 50 -4.49 29.80 -16.42
N ALA D 51 -4.03 29.03 -15.43
CA ALA D 51 -4.68 27.77 -15.13
C ALA D 51 -5.73 27.98 -14.02
N ASN D 52 -6.37 26.90 -13.58
CA ASN D 52 -7.50 27.02 -12.65
C ASN D 52 -8.67 27.76 -13.30
N LYS D 53 -8.90 27.46 -14.58
CA LYS D 53 -9.93 28.11 -15.39
C LYS D 53 -10.13 27.31 -16.66
N ASN D 54 -11.09 27.76 -17.47
CA ASN D 54 -11.45 27.11 -18.74
C ASN D 54 -11.50 25.59 -18.59
N LYS D 55 -11.82 25.14 -17.38
CA LYS D 55 -11.82 23.73 -17.05
C LYS D 55 -13.15 23.08 -17.37
N GLY D 56 -14.25 23.76 -17.06
CA GLY D 56 -15.53 23.11 -17.05
C GLY D 56 -15.81 22.38 -15.76
N ILE D 57 -14.87 22.44 -14.79
CA ILE D 57 -15.01 21.78 -13.49
C ILE D 57 -15.89 22.64 -12.60
N ILE D 58 -16.81 21.99 -11.90
CA ILE D 58 -17.69 22.64 -10.93
C ILE D 58 -17.20 22.28 -9.55
N TRP D 59 -17.04 23.28 -8.69
CA TRP D 59 -16.60 23.04 -7.34
C TRP D 59 -17.72 22.41 -6.53
N GLY D 60 -17.36 21.37 -5.80
CA GLY D 60 -18.28 20.72 -4.91
C GLY D 60 -17.51 19.81 -3.99
N GLU D 61 -18.26 19.07 -3.18
CA GLU D 61 -17.70 18.12 -2.24
C GLU D 61 -16.59 17.26 -2.85
N ASP D 62 -16.88 16.60 -3.97
CA ASP D 62 -15.97 15.63 -4.57
C ASP D 62 -14.79 16.29 -5.28
N THR D 63 -15.02 17.37 -6.03
CA THR D 63 -13.87 18.02 -6.68
C THR D 63 -12.97 18.68 -5.64
N LEU D 64 -13.56 19.25 -4.60
CA LEU D 64 -12.78 19.77 -3.50
C LEU D 64 -11.97 18.66 -2.83
N MET D 65 -12.57 17.49 -2.65
CA MET D 65 -11.83 16.39 -2.04
C MET D 65 -10.64 16.04 -2.91
N GLU D 66 -10.85 16.03 -4.24
CA GLU D 66 -9.77 15.65 -5.14
C GLU D 66 -8.69 16.73 -5.16
N TYR D 67 -9.10 18.00 -5.08
CA TYR D 67 -8.18 19.12 -4.99
C TYR D 67 -7.22 18.96 -3.81
N LEU D 68 -7.77 18.68 -2.62
CA LEU D 68 -6.95 18.53 -1.42
C LEU D 68 -6.06 17.31 -1.51
N GLU D 69 -6.52 16.27 -2.21
CA GLU D 69 -5.79 15.02 -2.36
C GLU D 69 -4.74 15.08 -3.46
N ASN D 70 -4.99 15.82 -4.54
CA ASN D 70 -4.10 15.87 -5.71
C ASN D 70 -4.00 17.30 -6.24
N PRO D 71 -3.30 18.17 -5.52
CA PRO D 71 -3.33 19.59 -5.90
C PRO D 71 -2.80 19.87 -7.31
N ALA D 72 -1.87 19.08 -7.83
CA ALA D 72 -1.33 19.30 -9.17
C ALA D 72 -2.39 19.20 -10.28
N LYS D 73 -3.49 18.48 -10.02
CA LYS D 73 -4.56 18.38 -11.02
C LYS D 73 -5.21 19.74 -11.25
N TYR D 74 -5.13 20.63 -10.25
CA TYR D 74 -5.85 21.88 -10.24
C TYR D 74 -5.03 23.15 -9.93
N ILE D 75 -3.90 23.08 -9.21
CA ILE D 75 -3.27 24.36 -8.86
C ILE D 75 -2.32 24.84 -9.95
N PRO D 76 -2.35 26.13 -10.26
CA PRO D 76 -1.40 26.68 -11.23
C PRO D 76 -0.04 26.88 -10.61
N GLY D 77 0.97 26.97 -11.49
CA GLY D 77 2.31 27.20 -11.00
C GLY D 77 2.38 28.35 -10.02
N THR D 78 1.64 29.42 -10.27
CA THR D 78 1.71 30.55 -9.37
C THR D 78 1.34 30.11 -7.95
N LYS D 79 0.23 29.39 -7.81
CA LYS D 79 -0.20 28.96 -6.49
C LYS D 79 0.78 27.96 -5.88
N MET D 80 1.32 27.04 -6.70
CA MET D 80 2.38 26.15 -6.25
C MET D 80 3.51 26.92 -5.62
N ILE D 81 3.93 28.05 -6.23
CA ILE D 81 5.01 28.85 -5.65
C ILE D 81 4.57 29.46 -4.33
N PHE D 82 3.39 30.08 -4.30
CA PHE D 82 2.96 30.71 -3.05
C PHE D 82 2.87 29.67 -1.95
N VAL D 83 2.32 28.51 -2.27
CA VAL D 83 2.12 27.49 -1.26
C VAL D 83 3.44 26.93 -0.79
N GLY D 84 4.35 26.63 -1.73
CA GLY D 84 5.68 26.18 -1.35
C GLY D 84 6.42 27.19 -0.49
N ILE D 85 6.17 28.48 -0.69
CA ILE D 85 6.78 29.48 0.18
C ILE D 85 6.24 29.33 1.60
N LYS D 86 4.91 29.21 1.71
CA LYS D 86 4.25 29.09 3.03
C LYS D 86 4.66 27.82 3.75
N LYS D 87 4.80 26.72 3.01
CA LYS D 87 5.17 25.45 3.63
C LYS D 87 6.61 25.46 4.15
N LYS D 88 7.52 26.17 3.46
CA LYS D 88 8.91 26.32 3.93
C LYS D 88 8.97 27.07 5.26
N GLU D 89 8.29 28.21 5.35
CA GLU D 89 8.20 28.93 6.63
C GLU D 89 7.59 28.04 7.71
N GLU D 90 6.56 27.25 7.36
CA GLU D 90 5.96 26.39 8.37
C GLU D 90 6.94 25.40 8.92
N ARG D 91 7.72 24.77 8.03
CA ARG D 91 8.75 23.84 8.47
C ARG D 91 9.80 24.52 9.34
N ALA D 92 10.21 25.73 9.01
CA ALA D 92 11.22 26.38 9.84
C ALA D 92 10.64 26.72 11.19
N ASP D 93 9.36 27.10 11.23
CA ASP D 93 8.72 27.43 12.49
C ASP D 93 8.50 26.19 13.33
N LEU D 94 8.11 25.09 12.69
CA LEU D 94 7.90 23.84 13.41
C LEU D 94 9.21 23.36 14.00
N ILE D 95 10.28 23.37 13.19
CA ILE D 95 11.60 22.97 13.65
C ILE D 95 12.06 23.86 14.79
N ALA D 96 11.79 25.15 14.70
CA ALA D 96 12.15 26.03 15.81
C ALA D 96 11.42 25.62 17.08
N TYR D 97 10.12 25.38 16.97
CA TYR D 97 9.36 24.97 18.12
C TYR D 97 9.90 23.65 18.70
N LEU D 98 10.16 22.69 17.84
CA LEU D 98 10.66 21.41 18.33
C LEU D 98 12.00 21.56 19.02
N LYS D 99 12.91 22.40 18.48
CA LYS D 99 14.22 22.50 19.12
C LYS D 99 14.11 23.13 20.50
N LYS D 100 13.09 23.93 20.77
CA LYS D 100 12.83 24.38 22.13
C LYS D 100 12.08 23.32 22.93
N ALA D 101 10.97 22.78 22.37
CA ALA D 101 10.02 22.01 23.18
C ALA D 101 10.62 20.70 23.63
N THR D 102 11.34 20.02 22.74
CA THR D 102 11.95 18.74 23.05
C THR D 102 13.20 18.87 23.91
N ASN D 103 13.58 20.10 24.21
CA ASN D 103 14.75 20.38 25.05
C ASN D 103 14.41 21.13 26.33
N GLU D 104 13.12 21.32 26.65
CA GLU D 104 12.74 22.01 27.90
C GLU D 104 11.65 21.21 28.64
FE HEC E . 11.97 -13.78 -3.92
CHA HEC E . 14.06 -11.93 -1.75
CHB HEC E . 12.93 -16.60 -2.36
CHC HEC E . 9.72 -15.56 -5.82
CHD HEC E . 11.51 -11.04 -5.82
NA HEC E . 13.27 -14.15 -2.38
C1A HEC E . 13.99 -13.28 -1.58
C2A HEC E . 14.62 -14.04 -0.54
C3A HEC E . 14.32 -15.31 -0.75
C4A HEC E . 13.47 -15.41 -1.89
CMA HEC E . 14.75 -16.53 0.09
CAA HEC E . 15.54 -13.47 0.54
CBA HEC E . 16.91 -13.62 -0.09
CGA HEC E . 18.05 -13.20 0.82
O1A HEC E . 19.13 -13.28 0.25
O2A HEC E . 17.90 -12.83 2.02
NB HEC E . 11.39 -15.71 -4.07
C1B HEC E . 11.92 -16.72 -3.27
C2B HEC E . 11.18 -17.92 -3.56
C3B HEC E . 10.29 -17.64 -4.52
C4B HEC E . 10.40 -16.24 -4.84
CMB HEC E . 11.44 -19.30 -2.96
CAB HEC E . 9.31 -18.62 -5.18
CBB HEC E . 8.37 -19.26 -4.13
NC HEC E . 10.84 -13.41 -5.54
C1C HEC E . 9.92 -14.24 -6.15
C2C HEC E . 9.20 -13.46 -7.13
C3C HEC E . 9.72 -12.22 -7.09
C4C HEC E . 10.75 -12.17 -6.10
CMC HEC E . 8.11 -14.04 -8.06
CAC HEC E . 9.49 -10.95 -7.95
CBC HEC E . 8.07 -10.69 -8.41
ND HEC E . 12.72 -11.80 -3.81
C1D HEC E . 12.33 -10.83 -4.71
C2D HEC E . 12.88 -9.56 -4.31
C3D HEC E . 13.67 -9.86 -3.04
C4D HEC E . 13.52 -11.26 -2.80
CMD HEC E . 12.74 -8.16 -4.97
CAD HEC E . 14.47 -8.88 -2.20
CBD HEC E . 13.55 -8.01 -1.35
CGD HEC E . 14.42 -7.08 -0.54
O1D HEC E . 15.02 -6.15 -1.10
O2D HEC E . 14.56 -7.27 0.67
HHA HEC E . 14.54 -11.41 -1.07
HHB HEC E . 13.30 -17.43 -2.00
HHC HEC E . 9.04 -16.05 -6.32
HHD HEC E . 11.48 -10.31 -6.48
HMA1 HEC E . 15.25 -17.16 -0.48
HMA2 HEC E . 13.95 -16.98 0.44
HMA3 HEC E . 15.32 -16.23 0.83
HAA1 HEC E . 15.48 -13.99 1.35
HAA2 HEC E . 15.33 -12.53 0.70
HBA1 HEC E . 16.95 -13.07 -0.89
HBA2 HEC E . 17.04 -14.54 -0.34
HMB1 HEC E . 11.65 -19.93 -3.67
HMB2 HEC E . 10.65 -19.61 -2.48
HMB3 HEC E . 12.19 -19.26 -2.34
HAB HEC E . 8.78 -18.15 -5.83
HBB1 HEC E . 8.89 -19.74 -3.47
HBB2 HEC E . 7.75 -19.87 -4.57
HBB3 HEC E . 7.85 -18.56 -3.69
HMC1 HEC E . 7.27 -13.57 -7.91
HMC2 HEC E . 7.98 -14.98 -7.89
HMC3 HEC E . 8.37 -13.92 -8.99
HAC HEC E . 10.07 -10.97 -8.71
HBC1 HEC E . 7.77 -11.45 -8.96
HBC2 HEC E . 8.04 -9.88 -8.93
HBC3 HEC E . 7.48 -10.61 -7.64
HMD1 HEC E . 12.34 -7.54 -4.33
HMD2 HEC E . 12.18 -8.24 -5.77
HMD3 HEC E . 13.62 -7.84 -5.23
HAD1 HEC E . 15.00 -8.31 -2.78
HAD2 HEC E . 15.07 -9.37 -1.61
HBD1 HEC E . 13.04 -8.58 -0.75
HBD2 HEC E . 12.96 -7.51 -1.92
FE HEC F . -11.26 -25.91 -6.95
CHA HEC F . -14.62 -25.92 -6.35
CHB HEC F . -11.79 -23.52 -9.38
CHC HEC F . -7.94 -25.66 -7.45
CHD HEC F . -10.84 -28.59 -4.98
NA HEC F . -12.84 -24.92 -7.74
C1A HEC F . -14.14 -25.06 -7.29
C2A HEC F . -14.99 -24.13 -7.96
C3A HEC F . -14.23 -23.48 -8.84
C4A HEC F . -12.87 -23.96 -8.69
CMA HEC F . -14.71 -22.35 -9.78
CAA HEC F . -16.50 -24.02 -7.76
CBA HEC F . -17.07 -25.00 -8.76
CGA HEC F . -18.59 -24.98 -8.87
O1A HEC F . -19.05 -25.79 -9.71
O2A HEC F . -19.31 -24.19 -8.18
NB HEC F . -10.10 -24.80 -8.20
C1B HEC F . -10.50 -23.84 -9.08
C2B HEC F . -9.35 -23.21 -9.64
C3B HEC F . -8.26 -23.82 -9.13
C4B HEC F . -8.72 -24.83 -8.20
CMB HEC F . -9.41 -22.10 -10.72
CAB HEC F . -6.77 -23.55 -9.38
CBB HEC F . -6.39 -22.12 -8.91
NC HEC F . -9.68 -26.97 -6.33
C1C HEC F . -8.37 -26.67 -6.60
C2C HEC F . -7.54 -27.64 -5.98
C3C HEC F . -8.34 -28.37 -5.18
C4C HEC F . -9.71 -28.01 -5.47
CMC HEC F . -6.00 -27.47 -6.00
CAC HEC F . -8.01 -29.56 -4.24
CBC HEC F . -6.76 -29.45 -3.34
ND HEC F . -12.58 -27.10 -5.86
C1D HEC F . -12.13 -28.12 -5.08
C2D HEC F . -13.27 -28.68 -4.36
C3D HEC F . -14.44 -27.85 -4.79
C4D HEC F . -13.91 -26.89 -5.73
CMD HEC F . -13.27 -29.83 -3.38
CAD HEC F . -15.89 -28.01 -4.32
CBD HEC F . -15.99 -27.29 -2.99
CGD HEC F . -17.41 -27.46 -2.55
O1D HEC F . -18.12 -26.45 -2.62
O2D HEC F . -17.83 -28.58 -2.17
HHA HEC F . -15.56 -25.82 -6.10
HHB HEC F . -11.95 -22.93 -10.15
HHC HEC F . -6.97 -25.53 -7.51
HHD HEC F . -10.73 -29.43 -4.51
HMA1 HEC F . -14.55 -22.63 -10.71
HMA2 HEC F . -14.22 -21.53 -9.60
HMA3 HEC F . -15.67 -22.20 -9.65
HAA1 HEC F . -16.81 -23.12 -7.94
HAA2 HEC F . -16.75 -24.29 -6.85
HBA1 HEC F . -16.79 -25.89 -8.52
HBA2 HEC F . -16.70 -24.79 -9.64
HMB1 HEC F . -8.94 -22.41 -11.52
HMB2 HEC F . -9.00 -21.30 -10.39
HMB3 HEC F . -10.35 -21.92 -10.95
HAB HEC F . -6.24 -24.18 -8.89
HBB1 HEC F . -5.71 -22.18 -8.22
HBB2 HEC F . -7.17 -21.69 -8.54
HBB3 HEC F . -6.06 -21.61 -9.66
HMC1 HEC F . -5.66 -27.42 -5.10
HMC2 HEC F . -5.77 -26.67 -6.49
HMC3 HEC F . -5.61 -28.25 -6.45
HAC HEC F . -8.77 -29.76 -3.70
HBC1 HEC F . -6.34 -28.60 -3.50
HMD1 HEC F . -13.85 -30.54 -3.71
HMD2 HEC F . -13.60 -29.52 -2.51
HMD3 HEC F . -12.36 -30.18 -3.28
HAD1 HEC F . -16.10 -28.94 -4.21
HAD2 HEC F . -16.49 -27.59 -4.96
HBD1 HEC F . -15.78 -26.35 -3.09
HBD2 HEC F . -15.39 -27.70 -2.35
FE HEC G . 5.71 11.19 13.48
CHA HEC G . 8.17 8.76 14.01
CHB HEC G . 8.15 13.54 13.60
CHC HEC G . 3.35 13.65 12.75
CHD HEC G . 3.26 8.96 13.77
NA HEC G . 7.77 11.11 13.73
C1A HEC G . 8.60 10.05 13.96
C2A HEC G . 9.95 10.53 14.16
C3A HEC G . 9.93 11.85 14.05
C4A HEC G . 8.56 12.24 13.77
CMA HEC G . 11.11 12.80 14.19
CAA HEC G . 11.18 9.67 14.46
CBA HEC G . 11.24 9.53 15.98
CGA HEC G . 12.53 8.84 16.39
O1A HEC G . 12.73 8.68 17.60
O2A HEC G . 13.31 8.41 15.53
NB HEC G . 5.73 13.19 13.19
C1B HEC G . 6.87 13.99 13.32
C2B HEC G . 6.48 15.36 13.03
C3B HEC G . 5.15 15.39 12.83
C4B HEC G . 4.67 14.03 12.90
CMB HEC G . 7.41 16.61 13.07
CAB HEC G . 4.24 16.62 12.52
CBB HEC G . 4.60 17.34 11.20
NC HEC G . 3.65 11.31 13.33
C1C HEC G . 2.87 12.39 12.94
C2C HEC G . 1.50 11.97 12.93
C3C HEC G . 1.49 10.63 13.09
C4C HEC G . 2.83 10.23 13.45
CMC HEC G . 0.38 12.88 12.40
CAC HEC G . 0.30 9.64 13.18
CBC HEC G . -0.96 9.81 12.34
ND HEC G . 5.73 9.22 13.89
C1D HEC G . 4.55 8.47 13.86
C2D HEC G . 4.91 7.07 13.93
C3D HEC G . 6.43 7.01 14.00
C4D HEC G . 6.86 8.38 13.96
CMD HEC G . 3.93 5.85 13.88
CAD HEC G . 7.34 5.77 14.09
CBD HEC G . 7.53 5.09 12.76
CGD HEC G . 8.33 3.87 13.06
O1D HEC G . 9.49 3.84 12.63
O2D HEC G . 7.86 2.94 13.74
HHA HEC G . 8.85 8.05 14.08
HHB HEC G . 8.84 14.24 13.67
HHC HEC G . 2.71 14.36 12.50
HHD HEC G . 2.54 8.31 13.97
HMA1 HEC G . 10.92 13.43 14.92
HMA2 HEC G . 11.22 13.31 13.36
HMA3 HEC G . 11.92 12.30 14.39
HAA1 HEC G . 11.98 10.11 14.13
HAA2 HEC G . 11.09 8.80 14.04
HBA1 HEC G . 10.48 9.01 16.28
HBA2 HEC G . 11.21 10.42 16.38
HMB1 HEC G . 7.06 17.24 13.72
HMB2 HEC G . 7.42 17.03 12.19
HMB3 HEC G . 8.30 16.34 13.32
HAB HEC G . 3.33 16.33 12.47
HBB1 HEC G . 3.84 17.32 10.60
HBB2 HEC G . 5.35 16.89 10.79
HBB3 HEC G . 4.85 18.27 11.39
HMC1 HEC G . -0.26 13.04 13.12
HMC2 HEC G . -0.07 12.45 11.66
HMC3 HEC G . 0.75 13.72 12.12
HAC HEC G . 0.63 8.74 13.08
HBC1 HEC G . -1.07 9.02 11.77
HBC2 HEC G . -0.88 10.59 11.78
HMD1 HEC G . 4.01 5.33 14.71
HMD2 HEC G . 4.14 5.30 13.11
HMD3 HEC G . 3.00 6.19 13.79
HAD1 HEC G . 6.94 5.13 14.71
HAD2 HEC G . 8.20 6.04 14.43
HBD1 HEC G . 8.00 5.67 12.15
HBD2 HEC G . 6.66 4.84 12.39
FE HEC H . -6.30 28.58 -2.56
CHA HEC H . -7.58 29.31 -5.69
CHB HEC H . -8.93 26.46 -2.06
CHC HEC H . -5.00 27.64 0.53
CHD HEC H . -3.77 30.74 -2.97
NA HEC H . -7.92 27.99 -3.67
C1A HEC H . -8.28 28.42 -4.92
C2A HEC H . -9.49 27.79 -5.28
C3A HEC H . -9.88 27.02 -4.28
C4A HEC H . -8.89 27.12 -3.25
CMA HEC H . -11.14 26.13 -4.19
CAA HEC H . -10.23 28.04 -6.61
CBA HEC H . -11.35 29.04 -6.35
CGA HEC H . -12.07 29.44 -7.63
O1A HEC H . -12.73 30.49 -7.55
O2A HEC H . -11.98 28.74 -8.69
NB HEC H . -6.84 27.30 -1.05
C1B HEC H . -7.99 26.53 -1.06
C2B HEC H . -8.03 25.77 0.17
C3B HEC H . -6.95 26.11 0.89
C4B HEC H . -6.18 27.06 0.13
CMB HEC H . -9.15 24.83 0.63
CAB HEC H . -6.57 25.59 2.30
CBB HEC H . -6.25 24.08 2.28
NC HEC H . -4.69 29.06 -1.44
C1C HEC H . -4.33 28.58 -0.20
C2C HEC H . -3.18 29.35 0.26
C3C HEC H . -2.75 30.09 -0.79
C4C HEC H . -3.75 30.02 -1.81
CMC HEC H . -2.39 28.91 1.53
CAC HEC H . -1.55 31.09 -0.90
CBC HEC H . -0.23 30.61 -0.30
ND HEC H . -5.78 29.84 -4.09
C1D HEC H . -4.65 30.64 -4.03
C2D HEC H . -4.51 31.34 -5.29
C3D HEC H . -5.71 30.92 -6.12
C4D HEC H . -6.44 29.97 -5.31
CMD HEC H . -3.43 32.34 -5.72
CAD HEC H . -5.98 31.40 -7.55
CBD HEC H . -5.11 30.61 -8.50
CGD HEC H . -5.35 31.08 -9.91
O1D HEC H . -5.70 30.24 -10.76
O2D HEC H . -5.25 32.29 -10.17
HHA HEC H . -7.92 29.49 -6.59
HHB HEC H . -9.71 25.88 -1.89
HHC HEC H . -4.62 27.36 1.38
HHD HEC H . -3.07 31.43 -3.06
HMA1 HEC H . -11.69 26.42 -3.44
HMA2 HEC H . -10.86 25.20 -4.06
HMA3 HEC H . -11.64 26.20 -5.03
HAA1 HEC H . -10.60 27.21 -6.94
HAA2 HEC H . -9.61 28.40 -7.26
HBA1 HEC H . -10.99 29.84 -5.94
HBA2 HEC H . -12.00 28.65 -5.74
HMB1 HEC H . -8.80 23.93 0.75
HMB2 HEC H . -9.86 24.81 -0.03
HMB3 HEC H . -9.51 25.15 1.49
HAB HEC H . -5.80 26.07 2.61
HBB1 HEC H . -7.02 23.59 1.96
HBB2 HEC H . -6.01 23.78 3.17
HBB3 HEC H . -5.50 23.92 1.67
HMC1 HEC H . -1.48 28.72 1.30
HMC2 HEC H . -2.80 28.13 1.91
HMC3 HEC H . -2.42 29.63 2.18
HAC HEC H . -1.80 31.92 -0.48
HBC1 HEC H . -0.34 30.43 0.63
HBC2 HEC H . 0.44 31.30 -0.43
HBC3 HEC H . 0.06 29.80 -0.76
HMD1 HEC H . -3.85 33.21 -5.93
HMD2 HEC H . -2.98 32.01 -6.51
HMD3 HEC H . -2.79 32.47 -4.99
HAD1 HEC H . -5.78 32.34 -7.62
HAD2 HEC H . -6.92 31.25 -7.77
HBD1 HEC H . -5.31 29.66 -8.43
HBD2 HEC H . -4.17 30.76 -8.27
#